data_3HNG
#
_entry.id   3HNG
#
_cell.length_a   58.040
_cell.length_b   71.150
_cell.length_c   196.020
_cell.angle_alpha   90.00
_cell.angle_beta   90.00
_cell.angle_gamma   90.00
#
_symmetry.space_group_name_H-M   'I 2 2 2'
#
loop_
_entity.id
_entity.type
_entity.pdbx_description
1 polymer 'Vascular endothelial growth factor receptor 1'
2 non-polymer N-(4-chlorophenyl)-2-[(pyridin-4-ylmethyl)amino]benzamide
3 non-polymer 'CHLORIDE ION'
4 water water
#
_entity_poly.entity_id   1
_entity_poly.type   'polypeptide(L)'
_entity_poly.pdbx_seq_one_letter_code
;SMPDEVPLDEQCERLPYDASKWEFARERLKLGKSLGRGAFGKVVQASAFGIKKSPTCRTVAVKMLKEGATASEYKALMTE
LKILTHIGHHLNVVNLLGACTKQGGPLMVIVEYCKYGNLSNYLKSKRDLFFLNKDAALHMEPKKEKMEPGLEQGKKPRLD
SVTSSESFASSGFQEDKSLSDVEEEEDSDGFYKEPITMEDLISYSFQVARGMEFLSSRKCIHRDLAARNILLSENNVVKI
CDFGLARDIYKNPDYVRKGDTRLPLKWMAPESIFDKIYSTKSDVWSYGVLLWEIFSLGGSPYPGVQMDEDFCSRLREGMR
MRAPEYSTPEIYQIMLDCWHRDPKERPRFAELVEKLGDLL
;
_entity_poly.pdbx_strand_id   A
#
# COMPACT_ATOMS: atom_id res chain seq x y z
N GLU A 5 21.90 -1.03 -4.05
CA GLU A 5 21.84 -2.44 -3.64
C GLU A 5 20.88 -2.59 -2.47
N VAL A 6 20.96 -1.65 -1.53
CA VAL A 6 20.25 -1.79 -0.25
C VAL A 6 18.86 -1.17 -0.28
N PRO A 7 17.82 -2.00 -0.11
CA PRO A 7 16.46 -1.44 -0.05
C PRO A 7 16.37 -0.37 1.02
N LEU A 8 15.39 0.52 0.90
CA LEU A 8 15.35 1.71 1.72
C LEU A 8 15.18 1.41 3.19
N ASP A 9 14.37 0.40 3.50
CA ASP A 9 14.00 0.07 4.88
C ASP A 9 15.14 -0.52 5.72
N GLU A 10 15.94 -1.40 5.13
CA GLU A 10 17.10 -1.94 5.82
C GLU A 10 18.24 -0.91 5.85
N GLN A 11 18.14 0.07 4.96
CA GLN A 11 19.11 1.14 4.92
C GLN A 11 18.76 2.24 5.93
N CYS A 12 17.53 2.18 6.45
CA CYS A 12 17.04 3.16 7.42
C CYS A 12 17.35 2.78 8.87
N GLU A 13 18.55 2.25 9.07
CA GLU A 13 19.15 2.07 10.39
C GLU A 13 20.55 2.67 10.29
N ARG A 14 20.59 3.93 9.86
CA ARG A 14 21.85 4.61 9.58
C ARG A 14 21.57 5.95 8.89
N PRO A 16 18.66 8.55 10.62
CA PRO A 16 18.91 9.88 11.15
C PRO A 16 17.63 10.70 11.17
N TYR A 17 16.92 10.70 12.29
CA TYR A 17 15.62 11.38 12.41
C TYR A 17 15.78 12.86 12.69
N ASP A 18 15.02 13.69 11.96
CA ASP A 18 15.14 15.13 12.07
C ASP A 18 13.94 15.77 12.78
N ALA A 19 13.88 15.57 14.10
CA ALA A 19 12.84 16.17 14.92
C ALA A 19 12.72 17.66 14.63
N SER A 20 13.87 18.28 14.41
CA SER A 20 13.92 19.69 14.05
C SER A 20 12.75 19.99 13.12
N LYS A 21 12.38 18.98 12.34
CA LYS A 21 11.48 19.12 11.21
C LYS A 21 10.16 18.42 11.42
N TRP A 22 10.15 17.30 12.13
CA TRP A 22 8.94 16.46 12.17
C TRP A 22 8.30 16.32 13.52
N GLU A 23 9.02 16.62 14.59
CA GLU A 23 8.45 16.40 15.90
C GLU A 23 7.24 17.29 16.08
N PHE A 24 6.23 16.75 16.73
CA PHE A 24 4.95 17.42 16.89
C PHE A 24 4.44 17.14 18.30
N ALA A 25 4.10 18.17 19.04
CA ALA A 25 3.63 18.00 20.40
C ALA A 25 2.40 17.12 20.53
N ARG A 26 2.53 16.09 21.37
CA ARG A 26 1.41 15.20 21.72
C ARG A 26 0.19 15.96 22.22
N GLU A 27 0.36 17.05 22.97
CA GLU A 27 -0.84 17.86 23.40
C GLU A 27 -1.69 18.45 22.24
N ARG A 28 -1.10 18.53 21.05
CA ARG A 28 -1.77 19.12 19.91
C ARG A 28 -2.64 18.12 19.14
N LEU A 29 -2.71 16.89 19.63
CA LEU A 29 -3.52 15.83 19.02
C LEU A 29 -4.71 15.47 19.89
N LYS A 30 -5.89 15.42 19.30
CA LYS A 30 -6.99 14.75 19.97
C LYS A 30 -7.21 13.46 19.19
N LEU A 31 -6.97 12.34 19.85
CA LEU A 31 -7.17 11.03 19.27
C LEU A 31 -8.65 10.69 19.21
N GLY A 32 -9.08 9.97 18.16
CA GLY A 32 -10.49 9.70 17.97
C GLY A 32 -10.77 8.28 17.50
N LYS A 33 -11.82 8.10 16.71
CA LYS A 33 -12.26 6.75 16.35
C LYS A 33 -11.18 5.90 15.67
N SER A 34 -11.24 4.59 15.82
CA SER A 34 -10.27 3.68 15.21
C SER A 34 -10.44 3.48 13.70
N LEU A 35 -9.34 3.25 13.01
CA LEU A 35 -9.39 3.06 11.59
C LEU A 35 -8.81 1.72 11.22
N GLY A 36 -8.24 1.00 12.18
CA GLY A 36 -7.56 -0.24 11.86
C GLY A 36 -6.77 -0.79 13.01
N ARG A 37 -7.05 -2.05 13.38
CA ARG A 37 -6.36 -2.71 14.47
C ARG A 37 -5.62 -3.94 14.01
N GLY A 38 -4.35 -3.98 14.36
CA GLY A 38 -3.54 -5.17 14.20
C GLY A 38 -3.39 -5.83 15.56
N ALA A 39 -2.47 -6.78 15.64
CA ALA A 39 -2.15 -7.43 16.90
C ALA A 39 -1.45 -6.45 17.84
N PHE A 40 -0.44 -5.78 17.32
CA PHE A 40 0.40 -4.96 18.17
C PHE A 40 0.33 -3.49 17.81
N GLY A 41 -0.50 -3.16 16.81
CA GLY A 41 -0.60 -1.81 16.33
C GLY A 41 -2.00 -1.39 15.96
N LYS A 42 -2.26 -0.08 16.03
CA LYS A 42 -3.50 0.46 15.52
C LYS A 42 -3.32 1.78 14.75
N VAL A 43 -4.31 2.12 13.94
CA VAL A 43 -4.36 3.44 13.37
C VAL A 43 -5.61 4.08 13.87
N VAL A 44 -5.52 5.31 14.40
CA VAL A 44 -6.74 6.00 14.76
C VAL A 44 -6.83 7.33 14.04
N GLN A 45 -8.04 7.87 13.98
CA GLN A 45 -8.29 9.18 13.40
C GLN A 45 -8.08 10.19 14.50
N ALA A 46 -7.53 11.33 14.13
CA ALA A 46 -7.26 12.35 15.10
C ALA A 46 -7.46 13.73 14.48
N SER A 47 -7.53 14.72 15.35
CA SER A 47 -7.54 16.09 14.87
C SER A 47 -6.30 16.78 15.45
N ALA A 48 -5.53 17.43 14.58
CA ALA A 48 -4.25 17.97 14.94
C ALA A 48 -4.35 19.45 14.85
N PHE A 49 -3.87 20.18 15.86
CA PHE A 49 -3.78 21.62 15.70
C PHE A 49 -2.33 22.10 15.52
N GLY A 50 -2.03 22.64 14.34
CA GLY A 50 -0.72 23.21 14.09
C GLY A 50 0.19 22.32 13.27
N ILE A 51 -0.31 21.22 12.75
CA ILE A 51 0.51 20.38 11.90
C ILE A 51 1.15 21.22 10.81
N LYS A 52 2.44 20.99 10.54
CA LYS A 52 3.22 21.74 9.53
C LYS A 52 3.40 23.24 9.80
N LYS A 53 3.32 23.64 11.06
CA LYS A 53 3.61 25.01 11.42
C LYS A 53 2.47 25.92 11.03
N SER A 54 1.33 25.31 10.73
CA SER A 54 0.13 26.07 10.32
C SER A 54 -0.84 26.07 11.48
N PRO A 55 -1.21 27.24 11.95
CA PRO A 55 -2.00 27.25 13.18
C PRO A 55 -3.46 27.01 12.84
N THR A 56 -3.70 25.93 12.14
CA THR A 56 -5.01 25.59 11.70
C THR A 56 -5.25 24.22 12.21
N CYS A 57 -6.43 23.74 11.90
CA CYS A 57 -6.89 22.51 12.46
C CYS A 57 -7.16 21.48 11.40
N ARG A 58 -6.72 20.27 11.64
CA ARG A 58 -6.65 19.32 10.55
C ARG A 58 -6.99 17.91 11.02
N THR A 59 -7.52 17.09 10.13
CA THR A 59 -7.79 15.69 10.44
C THR A 59 -6.67 14.83 9.87
N VAL A 60 -6.09 14.00 10.70
CA VAL A 60 -4.93 13.26 10.30
C VAL A 60 -5.21 11.84 10.72
N ALA A 61 -4.35 10.93 10.29
CA ALA A 61 -4.42 9.57 10.72
C ALA A 61 -3.14 9.31 11.47
N VAL A 62 -3.26 8.57 12.56
CA VAL A 62 -2.18 8.35 13.49
C VAL A 62 -1.96 6.85 13.74
N LYS A 63 -0.75 6.38 13.44
CA LYS A 63 -0.42 4.99 13.70
C LYS A 63 0.49 4.92 14.92
N MET A 64 0.24 3.90 15.75
CA MET A 64 0.84 3.78 17.06
C MET A 64 0.67 2.35 17.61
N LEU A 65 1.55 1.97 18.54
CA LEU A 65 1.57 0.63 19.16
C LEU A 65 0.39 0.29 20.10
N LYS A 66 -0.03 -0.97 20.12
CA LYS A 66 -1.02 -1.43 21.08
C LYS A 66 -0.29 -1.99 22.28
N GLU A 67 -0.99 -2.11 23.39
CA GLU A 67 -0.42 -2.84 24.51
C GLU A 67 -0.24 -4.29 24.09
N GLY A 68 0.78 -4.94 24.63
CA GLY A 68 1.18 -6.25 24.14
C GLY A 68 2.37 -6.11 23.22
N ALA A 69 2.54 -4.95 22.60
CA ALA A 69 3.63 -4.76 21.65
C ALA A 69 5.02 -4.75 22.31
N THR A 70 6.01 -5.31 21.61
CA THR A 70 7.35 -5.41 22.17
C THR A 70 8.29 -4.46 21.49
N ALA A 71 9.57 -4.49 21.87
CA ALA A 71 10.56 -3.56 21.32
C ALA A 71 10.77 -3.77 19.81
N SER A 72 10.52 -5.00 19.36
CA SER A 72 10.45 -5.33 17.93
C SER A 72 9.50 -4.50 17.10
N GLU A 73 8.26 -4.38 17.57
CA GLU A 73 7.26 -3.59 16.90
C GLU A 73 7.62 -2.12 17.02
N TYR A 74 8.22 -1.72 18.15
CA TYR A 74 8.67 -0.34 18.30
C TYR A 74 9.68 -0.03 17.20
N LYS A 75 10.66 -0.91 17.03
CA LYS A 75 11.68 -0.77 15.99
C LYS A 75 11.05 -0.79 14.60
N ALA A 76 10.04 -1.62 14.42
CA ALA A 76 9.34 -1.66 13.13
C ALA A 76 8.66 -0.33 12.81
N LEU A 77 8.03 0.29 13.80
CA LEU A 77 7.29 1.49 13.56
C LEU A 77 8.26 2.64 13.41
N MET A 78 9.35 2.58 14.17
CA MET A 78 10.40 3.55 14.00
C MET A 78 11.01 3.44 12.60
N THR A 79 11.17 2.22 12.06
CA THR A 79 11.65 2.08 10.68
C THR A 79 10.61 2.63 9.70
N GLU A 80 9.34 2.44 9.97
CA GLU A 80 8.37 2.98 9.04
C GLU A 80 8.47 4.51 9.01
N LEU A 81 8.62 5.12 10.19
CA LEU A 81 8.70 6.56 10.28
C LEU A 81 9.90 7.10 9.52
N LYS A 82 11.06 6.49 9.77
CA LYS A 82 12.27 6.91 9.09
C LYS A 82 12.06 6.88 7.60
N ILE A 83 11.53 5.77 7.10
CA ILE A 83 11.26 5.60 5.69
C ILE A 83 10.38 6.73 5.18
N LEU A 84 9.27 6.98 5.87
CA LEU A 84 8.34 8.02 5.45
C LEU A 84 8.98 9.40 5.47
N THR A 85 10.06 9.56 6.25
CA THR A 85 10.71 10.86 6.35
C THR A 85 11.65 11.08 5.19
N HIS A 86 12.52 10.10 4.88
CA HIS A 86 13.39 10.16 3.66
C HIS A 86 12.65 9.55 2.47
N ILE A 87 11.50 10.09 2.09
CA ILE A 87 10.83 9.59 0.91
C ILE A 87 10.65 10.80 -0.02
N GLY A 88 9.94 11.82 0.46
CA GLY A 88 9.31 12.84 -0.40
C GLY A 88 8.48 13.78 0.49
N HIS A 89 7.25 14.14 0.08
CA HIS A 89 6.35 13.20 -0.52
C HIS A 89 5.66 13.56 -1.81
N HIS A 90 4.73 12.70 -2.18
CA HIS A 90 4.28 12.55 -3.54
C HIS A 90 2.76 12.53 -3.55
N LEU A 91 2.14 13.03 -4.60
CA LEU A 91 0.70 13.18 -4.60
C LEU A 91 0.03 11.83 -4.35
N ASN A 92 0.61 10.75 -4.89
CA ASN A 92 -0.02 9.42 -4.86
C ASN A 92 0.55 8.47 -3.83
N VAL A 93 1.18 9.03 -2.82
CA VAL A 93 1.60 8.25 -1.67
C VAL A 93 1.04 8.95 -0.45
N VAL A 94 0.64 8.20 0.57
CA VAL A 94 0.22 8.80 1.85
C VAL A 94 1.36 9.63 2.46
N ASN A 95 1.14 10.92 2.62
CA ASN A 95 2.19 11.88 3.02
C ASN A 95 2.39 11.94 4.57
N LEU A 96 3.61 11.79 5.05
CA LEU A 96 3.93 12.08 6.46
C LEU A 96 3.68 13.54 6.87
N LEU A 97 3.01 13.74 7.99
CA LEU A 97 2.77 15.08 8.49
C LEU A 97 3.59 15.40 9.75
N GLY A 98 3.91 14.43 10.60
CA GLY A 98 4.76 14.71 11.74
C GLY A 98 4.85 13.46 12.60
N ALA A 99 5.41 13.56 13.80
CA ALA A 99 5.61 12.37 14.60
C ALA A 99 5.73 12.76 16.04
N CYS A 100 5.30 11.88 16.94
CA CYS A 100 5.71 12.01 18.35
C CYS A 100 6.72 10.95 18.80
N THR A 101 7.86 11.42 19.28
CA THR A 101 8.98 10.53 19.58
C THR A 101 9.67 10.86 20.92
N LYS A 102 9.17 11.86 21.65
CA LYS A 102 9.62 12.12 23.02
C LYS A 102 10.01 10.82 23.62
N GLN A 103 11.23 10.70 24.15
CA GLN A 103 11.59 9.51 24.92
C GLN A 103 10.67 9.47 26.14
N GLY A 104 10.23 8.26 26.46
CA GLY A 104 9.21 8.08 27.47
C GLY A 104 7.78 8.13 26.91
N GLY A 105 7.55 8.90 25.85
CA GLY A 105 6.19 9.05 25.31
C GLY A 105 5.84 7.99 24.28
N PRO A 106 4.53 7.81 23.96
CA PRO A 106 4.19 6.80 22.92
C PRO A 106 4.64 7.23 21.54
N LEU A 107 5.21 6.32 20.76
CA LEU A 107 5.56 6.60 19.37
C LEU A 107 4.28 6.74 18.56
N MET A 108 4.23 7.75 17.70
CA MET A 108 3.08 8.02 16.86
C MET A 108 3.54 8.63 15.56
N VAL A 109 3.06 8.02 14.47
CA VAL A 109 3.33 8.46 13.13
C VAL A 109 2.08 9.11 12.54
N ILE A 110 2.20 10.37 12.19
CA ILE A 110 1.06 11.13 11.71
C ILE A 110 1.17 11.39 10.23
N VAL A 111 0.11 11.02 9.51
CA VAL A 111 0.07 11.18 8.08
C VAL A 111 -1.23 11.77 7.69
N GLU A 112 -1.36 12.05 6.41
CA GLU A 112 -2.59 12.65 5.93
C GLU A 112 -3.74 11.63 5.87
N TYR A 113 -4.92 12.14 6.15
CA TYR A 113 -6.10 11.34 6.29
C TYR A 113 -6.77 11.13 4.95
N CYS A 114 -7.12 9.89 4.62
CA CYS A 114 -7.84 9.64 3.37
C CYS A 114 -9.27 9.29 3.62
N LYS A 115 -10.17 10.22 3.35
CA LYS A 115 -11.54 10.14 3.85
C LYS A 115 -12.36 8.95 3.36
N TYR A 116 -12.11 8.44 2.16
CA TYR A 116 -13.08 7.54 1.50
C TYR A 116 -12.73 6.06 1.56
N GLY A 117 -11.87 5.70 2.50
CA GLY A 117 -11.39 4.31 2.62
C GLY A 117 -10.66 3.79 1.40
N ASN A 118 -10.46 2.48 1.39
CA ASN A 118 -9.70 1.82 0.34
C ASN A 118 -10.48 1.61 -0.93
N LEU A 119 -9.74 1.30 -1.97
CA LEU A 119 -10.24 1.33 -3.33
C LEU A 119 -11.04 0.08 -3.68
N SER A 120 -10.65 -1.03 -3.09
CA SER A 120 -11.38 -2.25 -3.28
C SER A 120 -12.82 -2.02 -2.86
N ASN A 121 -13.03 -1.55 -1.64
CA ASN A 121 -14.37 -1.37 -1.13
C ASN A 121 -15.14 -0.35 -1.93
N TYR A 122 -14.47 0.74 -2.25
CA TYR A 122 -15.06 1.80 -3.05
C TYR A 122 -15.59 1.34 -4.40
N LEU A 123 -14.81 0.55 -5.11
CA LEU A 123 -15.28 0.08 -6.41
C LEU A 123 -16.42 -0.89 -6.24
N LYS A 124 -16.26 -1.82 -5.30
CA LYS A 124 -17.37 -2.69 -4.87
C LYS A 124 -18.66 -1.92 -4.55
N SER A 125 -18.54 -0.67 -4.13
CA SER A 125 -19.69 0.13 -3.75
C SER A 125 -20.38 0.67 -4.99
N LYS A 126 -19.81 0.41 -6.15
CA LYS A 126 -20.45 0.75 -7.42
C LYS A 126 -20.53 -0.49 -8.30
N ARG A 127 -19.80 -1.55 -7.92
CA ARG A 127 -19.82 -2.81 -8.69
C ARG A 127 -21.23 -3.34 -8.87
N LYS A 193 -21.23 10.54 -4.36
CA LYS A 193 -22.02 9.47 -4.94
C LYS A 193 -22.22 9.75 -6.46
N GLU A 194 -21.35 9.19 -7.29
CA GLU A 194 -21.47 9.32 -8.74
C GLU A 194 -21.02 8.08 -9.50
N PRO A 195 -21.51 7.93 -10.75
CA PRO A 195 -21.30 6.76 -11.58
C PRO A 195 -19.86 6.65 -12.06
N ILE A 196 -19.30 5.47 -11.95
CA ILE A 196 -17.89 5.26 -12.22
C ILE A 196 -17.68 5.06 -13.73
N THR A 197 -16.58 5.56 -14.27
CA THR A 197 -16.34 5.40 -15.70
C THR A 197 -14.98 4.80 -15.98
N MET A 198 -14.84 4.27 -17.19
CA MET A 198 -13.61 3.69 -17.63
C MET A 198 -12.45 4.67 -17.45
N GLU A 199 -12.68 5.93 -17.78
CA GLU A 199 -11.66 6.94 -17.59
C GLU A 199 -11.22 7.00 -16.14
N ASP A 200 -12.17 6.84 -15.22
CA ASP A 200 -11.86 6.80 -13.80
C ASP A 200 -10.93 5.61 -13.49
N LEU A 201 -11.31 4.42 -13.93
CA LEU A 201 -10.50 3.22 -13.62
C LEU A 201 -9.05 3.36 -14.08
N ILE A 202 -8.86 4.02 -15.22
CA ILE A 202 -7.55 4.16 -15.80
C ILE A 202 -6.75 5.23 -15.05
N SER A 203 -7.46 6.27 -14.66
CA SER A 203 -6.87 7.29 -13.86
C SER A 203 -6.26 6.68 -12.60
N TYR A 204 -7.05 5.87 -11.86
CA TYR A 204 -6.58 5.24 -10.64
C TYR A 204 -5.39 4.32 -10.89
N SER A 205 -5.51 3.47 -11.89
CA SER A 205 -4.36 2.64 -12.30
C SER A 205 -3.10 3.48 -12.56
N PHE A 206 -3.27 4.64 -13.21
CA PHE A 206 -2.13 5.49 -13.59
C PHE A 206 -1.52 6.14 -12.39
N GLN A 207 -2.36 6.53 -11.45
CA GLN A 207 -1.89 7.19 -10.24
C GLN A 207 -1.11 6.23 -9.38
N VAL A 208 -1.58 5.00 -9.28
CA VAL A 208 -0.88 4.05 -8.44
C VAL A 208 0.47 3.74 -9.08
N ALA A 209 0.47 3.62 -10.39
CA ALA A 209 1.73 3.40 -11.11
C ALA A 209 2.66 4.59 -10.90
N ARG A 210 2.11 5.80 -10.89
CA ARG A 210 2.95 6.98 -10.68
C ARG A 210 3.57 6.94 -9.28
N GLY A 211 2.76 6.52 -8.31
CA GLY A 211 3.17 6.43 -6.91
C GLY A 211 4.22 5.36 -6.71
N MET A 212 4.08 4.25 -7.43
CA MET A 212 5.08 3.20 -7.35
C MET A 212 6.37 3.53 -8.08
N GLU A 213 6.31 4.37 -9.11
CA GLU A 213 7.54 4.79 -9.81
C GLU A 213 8.34 5.64 -8.82
N PHE A 214 7.63 6.44 -8.05
CA PHE A 214 8.25 7.25 -6.99
C PHE A 214 8.95 6.37 -5.96
N LEU A 215 8.21 5.38 -5.44
CA LEU A 215 8.73 4.50 -4.38
C LEU A 215 9.92 3.72 -4.84
N SER A 216 9.79 3.06 -5.99
CA SER A 216 10.88 2.35 -6.66
C SER A 216 12.15 3.16 -6.72
N SER A 217 12.02 4.37 -7.25
CA SER A 217 13.10 5.31 -7.40
C SER A 217 13.69 5.75 -6.07
N ARG A 218 13.06 5.35 -4.97
CA ARG A 218 13.59 5.65 -3.65
C ARG A 218 14.13 4.38 -2.99
N LYS A 219 14.19 3.30 -3.78
CA LYS A 219 14.79 2.02 -3.38
C LYS A 219 13.85 1.31 -2.45
N CYS A 220 12.58 1.63 -2.60
CA CYS A 220 11.65 1.18 -1.65
C CYS A 220 10.69 0.17 -2.24
N ILE A 221 10.75 -1.03 -1.67
CA ILE A 221 9.96 -2.16 -2.07
C ILE A 221 8.77 -2.26 -1.15
N HIS A 222 7.56 -2.31 -1.68
CA HIS A 222 6.35 -2.19 -0.85
C HIS A 222 5.98 -3.48 -0.14
N ARG A 223 5.97 -4.55 -0.90
CA ARG A 223 5.81 -5.92 -0.38
C ARG A 223 4.38 -6.33 -0.05
N ASP A 224 3.44 -5.40 -0.10
CA ASP A 224 2.06 -5.79 0.10
C ASP A 224 1.10 -4.85 -0.62
N LEU A 225 1.42 -4.64 -1.88
CA LEU A 225 0.64 -3.77 -2.73
C LEU A 225 -0.59 -4.50 -3.27
N ALA A 226 -1.74 -3.84 -3.15
CA ALA A 226 -3.01 -4.48 -3.39
C ALA A 226 -4.06 -3.44 -3.11
N ALA A 227 -5.28 -3.68 -3.52
CA ALA A 227 -6.28 -2.61 -3.50
C ALA A 227 -6.65 -2.18 -2.08
N ARG A 228 -6.51 -3.10 -1.12
CA ARG A 228 -6.82 -2.82 0.29
C ARG A 228 -5.77 -1.80 0.80
N ASN A 229 -4.69 -1.66 0.07
CA ASN A 229 -3.64 -0.72 0.42
C ASN A 229 -3.59 0.50 -0.52
N ILE A 230 -4.67 0.75 -1.23
CA ILE A 230 -4.78 1.99 -1.98
C ILE A 230 -5.96 2.73 -1.37
N LEU A 231 -5.68 3.96 -0.93
CA LEU A 231 -6.66 4.73 -0.24
C LEU A 231 -7.09 5.93 -1.08
N LEU A 232 -8.34 6.32 -0.93
CA LEU A 232 -8.95 7.33 -1.76
C LEU A 232 -9.18 8.62 -1.00
N SER A 233 -8.63 9.67 -1.55
CA SER A 233 -8.60 10.94 -0.92
C SER A 233 -9.59 11.81 -1.67
N GLU A 234 -9.47 13.12 -1.50
CA GLU A 234 -10.33 14.03 -2.18
C GLU A 234 -9.89 14.24 -3.62
N ASN A 235 -10.77 14.82 -4.43
CA ASN A 235 -10.50 15.08 -5.84
C ASN A 235 -10.13 13.86 -6.62
N ASN A 236 -10.62 12.71 -6.20
CA ASN A 236 -10.38 11.52 -6.97
C ASN A 236 -8.93 11.10 -6.98
N VAL A 237 -8.16 11.61 -6.03
CA VAL A 237 -6.75 11.27 -5.91
C VAL A 237 -6.61 10.00 -5.09
N VAL A 238 -5.84 9.04 -5.59
CA VAL A 238 -5.56 7.83 -4.83
C VAL A 238 -4.13 7.78 -4.30
N LYS A 239 -3.98 7.17 -3.14
CA LYS A 239 -2.75 7.24 -2.38
C LYS A 239 -2.40 5.88 -1.88
N ILE A 240 -1.19 5.48 -2.17
CA ILE A 240 -0.56 4.27 -1.63
C ILE A 240 -0.24 4.37 -0.14
N CYS A 241 -0.73 3.40 0.60
CA CYS A 241 -0.48 3.36 2.00
C CYS A 241 -0.02 1.95 2.37
N ASP A 242 0.27 1.75 3.66
CA ASP A 242 0.53 0.41 4.25
C ASP A 242 0.11 0.47 5.73
N PHE A 243 -0.95 -0.24 6.12
CA PHE A 243 -1.41 -0.25 7.51
C PHE A 243 -0.41 -0.92 8.40
N GLY A 244 0.28 -1.91 7.85
CA GLY A 244 1.44 -2.51 8.48
C GLY A 244 1.08 -3.28 9.75
N LEU A 245 1.65 -2.82 10.86
CA LEU A 245 1.34 -3.37 12.16
C LEU A 245 -0.12 -3.21 12.50
N ALA A 246 -0.84 -2.39 11.75
CA ALA A 246 -2.23 -2.09 12.08
C ALA A 246 -3.26 -2.75 11.16
N ARG A 247 -2.77 -3.61 10.26
CA ARG A 247 -3.61 -4.48 9.45
C ARG A 247 -3.95 -5.73 10.28
N ASP A 248 -5.24 -6.04 10.40
CA ASP A 248 -5.67 -7.30 11.05
C ASP A 248 -5.67 -8.41 10.01
N ILE A 249 -4.99 -9.48 10.36
CA ILE A 249 -4.37 -10.35 9.40
C ILE A 249 -4.69 -11.78 9.84
N TYR A 250 -5.16 -11.87 11.09
CA TYR A 250 -5.67 -13.09 11.72
C TYR A 250 -7.02 -13.38 11.08
N LYS A 251 -7.74 -12.30 10.79
CA LYS A 251 -9.07 -12.41 10.23
C LYS A 251 -9.05 -12.35 8.71
N ASN A 252 -8.38 -11.36 8.13
CA ASN A 252 -8.44 -11.16 6.69
C ASN A 252 -8.06 -12.43 5.91
N PRO A 253 -9.02 -13.02 5.18
CA PRO A 253 -8.71 -14.21 4.39
C PRO A 253 -7.76 -13.89 3.24
N ASP A 254 -7.44 -12.62 3.03
CA ASP A 254 -6.38 -12.26 2.06
C ASP A 254 -4.98 -12.74 2.47
N TYR A 255 -4.80 -13.18 3.71
CA TYR A 255 -3.49 -13.60 4.18
C TYR A 255 -3.53 -15.04 4.65
N VAL A 256 -2.74 -15.93 4.05
CA VAL A 256 -2.82 -17.35 4.36
C VAL A 256 -1.59 -17.83 5.13
N ARG A 257 -1.76 -18.79 6.05
CA ARG A 257 -0.63 -19.25 6.86
C ARG A 257 0.33 -20.00 5.97
N LYS A 258 1.62 -19.64 5.98
CA LYS A 258 2.62 -20.33 5.15
C LYS A 258 3.63 -21.12 5.98
N THR A 261 4.08 -17.78 9.60
CA THR A 261 3.59 -16.54 8.97
C THR A 261 2.34 -16.66 8.10
N ARG A 262 1.64 -15.54 7.93
CA ARG A 262 0.48 -15.40 7.04
C ARG A 262 0.81 -14.41 5.95
N LEU A 263 0.53 -14.76 4.69
CA LEU A 263 1.03 -13.99 3.56
C LEU A 263 -0.05 -13.65 2.53
N PRO A 264 0.09 -12.49 1.87
CA PRO A 264 -0.84 -12.08 0.83
C PRO A 264 -0.57 -12.89 -0.43
N LEU A 265 -0.74 -14.20 -0.35
CA LEU A 265 -0.37 -15.12 -1.42
C LEU A 265 -0.82 -14.68 -2.80
N LYS A 266 -2.09 -14.33 -2.92
CA LYS A 266 -2.73 -14.10 -4.20
C LYS A 266 -2.09 -12.94 -4.95
N TRP A 267 -1.33 -12.12 -4.24
CA TRP A 267 -0.70 -10.91 -4.76
C TRP A 267 0.79 -11.06 -4.96
N MET A 268 1.33 -12.24 -4.67
CA MET A 268 2.78 -12.45 -4.67
C MET A 268 3.31 -13.19 -5.90
N ALA A 269 4.35 -12.58 -6.47
CA ALA A 269 5.17 -13.15 -7.52
C ALA A 269 5.72 -14.48 -7.05
N PRO A 270 5.97 -15.41 -7.98
CA PRO A 270 6.40 -16.78 -7.70
C PRO A 270 7.73 -16.85 -6.98
N GLU A 271 8.64 -15.92 -7.29
CA GLU A 271 9.97 -15.97 -6.72
C GLU A 271 9.95 -15.54 -5.25
N SER A 272 9.01 -14.65 -4.90
CA SER A 272 8.76 -14.26 -3.52
C SER A 272 8.21 -15.45 -2.75
N ILE A 273 7.20 -16.09 -3.32
CA ILE A 273 6.63 -17.25 -2.69
C ILE A 273 7.69 -18.34 -2.45
N PHE A 274 8.45 -18.70 -3.47
CA PHE A 274 9.32 -19.88 -3.34
C PHE A 274 10.66 -19.60 -2.68
N ASP A 275 11.34 -18.54 -3.11
CA ASP A 275 12.70 -18.27 -2.63
C ASP A 275 12.69 -17.13 -1.60
N LYS A 276 11.51 -16.64 -1.27
CA LYS A 276 11.40 -15.49 -0.38
C LYS A 276 12.19 -14.29 -0.90
N ILE A 277 12.12 -14.08 -2.20
CA ILE A 277 12.81 -12.99 -2.86
C ILE A 277 11.83 -11.85 -3.19
N TYR A 278 12.15 -10.64 -2.77
CA TYR A 278 11.28 -9.48 -3.00
C TYR A 278 12.06 -8.39 -3.70
N SER A 279 11.40 -7.62 -4.54
CA SER A 279 12.08 -6.60 -5.30
C SER A 279 11.01 -5.77 -5.94
N THR A 280 11.40 -4.69 -6.59
CA THR A 280 10.46 -3.82 -7.30
C THR A 280 9.77 -4.60 -8.37
N LYS A 281 10.48 -5.56 -8.95
CA LYS A 281 9.87 -6.38 -9.97
C LYS A 281 8.83 -7.32 -9.39
N SER A 282 8.92 -7.66 -8.11
CA SER A 282 7.80 -8.39 -7.47
C SER A 282 6.63 -7.48 -7.10
N ASP A 283 6.89 -6.21 -6.78
CA ASP A 283 5.80 -5.25 -6.58
C ASP A 283 4.99 -5.12 -7.89
N VAL A 284 5.70 -5.18 -9.03
CA VAL A 284 5.08 -5.10 -10.37
C VAL A 284 4.09 -6.24 -10.55
N TRP A 285 4.50 -7.47 -10.23
CA TRP A 285 3.55 -8.57 -10.21
C TRP A 285 2.30 -8.17 -9.42
N SER A 286 2.49 -7.67 -8.20
CA SER A 286 1.34 -7.34 -7.36
C SER A 286 0.52 -6.22 -7.98
N TYR A 287 1.23 -5.26 -8.61
CA TYR A 287 0.55 -4.22 -9.36
C TYR A 287 -0.32 -4.87 -10.44
N GLY A 288 0.16 -5.95 -11.04
CA GLY A 288 -0.69 -6.68 -11.99
C GLY A 288 -2.00 -7.13 -11.37
N VAL A 289 -1.93 -7.73 -10.19
CA VAL A 289 -3.15 -8.23 -9.51
C VAL A 289 -4.01 -7.05 -9.12
N LEU A 290 -3.35 -5.98 -8.70
CA LEU A 290 -4.06 -4.75 -8.40
C LEU A 290 -4.90 -4.27 -9.59
N LEU A 291 -4.35 -4.34 -10.80
CA LEU A 291 -5.09 -3.95 -12.00
C LEU A 291 -6.27 -4.87 -12.22
N TRP A 292 -6.08 -6.16 -12.03
CA TRP A 292 -7.21 -7.07 -12.04
C TRP A 292 -8.24 -6.66 -11.00
N GLU A 293 -7.76 -6.28 -9.82
CA GLU A 293 -8.68 -5.85 -8.77
C GLU A 293 -9.51 -4.66 -9.19
N ILE A 294 -8.87 -3.74 -9.89
CA ILE A 294 -9.54 -2.51 -10.29
C ILE A 294 -10.52 -2.77 -11.40
N PHE A 295 -10.10 -3.43 -12.45
CA PHE A 295 -10.96 -3.61 -13.60
C PHE A 295 -11.98 -4.75 -13.44
N SER A 296 -12.01 -5.35 -12.25
CA SER A 296 -13.13 -6.22 -11.87
C SER A 296 -14.06 -5.46 -10.92
N LEU A 297 -13.75 -4.18 -10.69
CA LEU A 297 -14.54 -3.31 -9.81
C LEU A 297 -14.51 -3.85 -8.42
N GLY A 298 -13.30 -4.17 -7.97
CA GLY A 298 -13.07 -4.57 -6.61
C GLY A 298 -13.32 -6.03 -6.38
N GLY A 299 -13.07 -6.88 -7.37
CA GLY A 299 -13.19 -8.30 -7.16
C GLY A 299 -11.96 -8.90 -6.50
N SER A 300 -12.08 -10.10 -5.97
CA SER A 300 -10.94 -10.79 -5.36
CA SER A 300 -10.92 -10.76 -5.38
C SER A 300 -10.24 -11.69 -6.37
N PRO A 301 -8.90 -11.66 -6.41
CA PRO A 301 -8.09 -12.47 -7.30
C PRO A 301 -8.38 -13.98 -7.23
N TYR A 302 -8.13 -14.67 -8.33
CA TYR A 302 -8.25 -16.11 -8.40
C TYR A 302 -9.50 -16.54 -7.66
N PRO A 303 -10.65 -16.05 -8.14
CA PRO A 303 -11.97 -16.35 -7.57
C PRO A 303 -12.32 -17.80 -7.81
N GLY A 304 -12.71 -18.52 -6.76
CA GLY A 304 -13.10 -19.92 -6.92
C GLY A 304 -11.90 -20.86 -6.89
N VAL A 305 -10.75 -20.32 -6.52
CA VAL A 305 -9.55 -21.14 -6.35
C VAL A 305 -9.18 -21.14 -4.87
N GLN A 306 -8.79 -22.31 -4.35
CA GLN A 306 -8.30 -22.40 -2.97
C GLN A 306 -6.78 -22.29 -2.96
N MET A 307 -6.20 -22.00 -1.79
CA MET A 307 -4.80 -21.60 -1.66
C MET A 307 -3.85 -22.62 -0.99
N ASP A 308 -3.43 -23.65 -1.72
CA ASP A 308 -2.58 -24.70 -1.15
C ASP A 308 -1.22 -24.84 -1.88
N GLU A 309 -0.50 -25.91 -1.60
CA GLU A 309 0.78 -26.18 -2.27
C GLU A 309 0.56 -26.21 -3.77
N ASP A 310 -0.65 -26.59 -4.17
CA ASP A 310 -0.97 -26.78 -5.58
C ASP A 310 -1.14 -25.46 -6.30
N PHE A 311 -1.80 -24.50 -5.66
CA PHE A 311 -1.95 -23.16 -6.22
C PHE A 311 -0.63 -22.60 -6.72
N CYS A 312 0.47 -22.90 -6.05
CA CYS A 312 1.78 -22.41 -6.48
C CYS A 312 2.27 -23.07 -7.74
N SER A 313 2.66 -24.33 -7.63
CA SER A 313 3.23 -25.07 -8.74
C SER A 313 2.56 -24.67 -10.05
N ARG A 314 1.24 -24.45 -10.01
CA ARG A 314 0.51 -23.94 -11.19
C ARG A 314 1.01 -22.57 -11.62
N LEU A 315 1.05 -21.69 -10.61
CA LEU A 315 1.47 -20.32 -10.78
C LEU A 315 2.88 -20.30 -11.33
N ARG A 316 3.70 -21.26 -10.90
CA ARG A 316 5.07 -21.31 -11.39
C ARG A 316 5.10 -22.07 -12.70
N GLU A 317 3.91 -22.28 -13.25
CA GLU A 317 3.75 -23.09 -14.44
C GLU A 317 2.97 -22.34 -15.50
N GLY A 318 3.12 -21.02 -15.51
CA GLY A 318 2.48 -20.18 -16.53
C GLY A 318 1.00 -19.90 -16.27
N MET A 319 0.50 -20.34 -15.12
CA MET A 319 -0.93 -20.27 -14.84
C MET A 319 -1.35 -18.87 -14.40
N ARG A 320 -2.29 -18.27 -15.11
CA ARG A 320 -2.68 -16.88 -14.84
C ARG A 320 -4.19 -16.68 -14.83
N MET A 321 -4.63 -15.52 -14.37
CA MET A 321 -6.05 -15.23 -14.36
C MET A 321 -6.54 -14.80 -15.75
N ARG A 322 -7.83 -14.96 -16.00
CA ARG A 322 -8.45 -14.43 -17.20
C ARG A 322 -8.81 -12.96 -17.03
N ALA A 323 -8.94 -12.25 -18.15
CA ALA A 323 -9.20 -10.82 -18.07
C ALA A 323 -10.41 -10.60 -17.19
N PRO A 324 -10.39 -9.53 -16.38
CA PRO A 324 -11.57 -9.17 -15.63
C PRO A 324 -12.63 -8.56 -16.55
N GLU A 325 -13.81 -8.30 -15.98
CA GLU A 325 -14.99 -7.99 -16.77
C GLU A 325 -14.97 -6.61 -17.40
N TYR A 326 -14.43 -5.61 -16.72
CA TYR A 326 -14.50 -4.28 -17.29
C TYR A 326 -13.18 -3.87 -17.90
N SER A 327 -12.29 -4.82 -18.11
CA SER A 327 -11.03 -4.49 -18.75
C SER A 327 -11.08 -4.56 -20.28
N THR A 328 -10.00 -4.10 -20.88
CA THR A 328 -9.85 -4.03 -22.31
C THR A 328 -8.75 -5.00 -22.71
N PRO A 329 -8.80 -5.52 -23.94
CA PRO A 329 -7.68 -6.32 -24.38
C PRO A 329 -6.35 -5.63 -24.10
N GLU A 330 -6.27 -4.33 -24.37
CA GLU A 330 -5.05 -3.55 -24.19
C GLU A 330 -4.60 -3.56 -22.74
N ILE A 331 -5.53 -3.35 -21.81
CA ILE A 331 -5.20 -3.37 -20.38
C ILE A 331 -4.88 -4.75 -19.81
N TYR A 332 -5.59 -5.77 -20.26
CA TYR A 332 -5.24 -7.16 -19.93
C TYR A 332 -3.80 -7.43 -20.35
N GLN A 333 -3.44 -6.99 -21.54
CA GLN A 333 -2.09 -7.16 -22.05
C GLN A 333 -1.05 -6.69 -21.03
N ILE A 334 -1.40 -5.60 -20.37
CA ILE A 334 -0.54 -5.00 -19.38
C ILE A 334 -0.39 -5.91 -18.14
N MET A 335 -1.48 -6.47 -17.64
CA MET A 335 -1.36 -7.39 -16.50
C MET A 335 -0.43 -8.56 -16.83
N LEU A 336 -0.65 -9.19 -17.98
CA LEU A 336 0.18 -10.30 -18.38
C LEU A 336 1.65 -9.96 -18.43
N ASP A 337 2.00 -8.78 -18.94
CA ASP A 337 3.37 -8.28 -18.86
C ASP A 337 3.89 -8.30 -17.41
N CYS A 338 3.11 -7.71 -16.51
CA CYS A 338 3.45 -7.73 -15.07
C CYS A 338 3.62 -9.14 -14.51
N TRP A 339 2.96 -10.13 -15.11
CA TRP A 339 2.98 -11.49 -14.60
C TRP A 339 3.92 -12.45 -15.38
N HIS A 340 4.96 -11.89 -15.98
CA HIS A 340 5.95 -12.70 -16.67
C HIS A 340 6.74 -13.58 -15.67
N ARG A 341 6.99 -14.85 -16.02
CA ARG A 341 7.69 -15.76 -15.11
C ARG A 341 9.00 -15.12 -14.63
N ASP A 342 9.72 -14.54 -15.57
CA ASP A 342 11.02 -13.93 -15.31
C ASP A 342 10.78 -12.52 -14.86
N PRO A 343 11.28 -12.16 -13.66
CA PRO A 343 11.05 -10.82 -13.14
C PRO A 343 11.86 -9.81 -13.94
N LYS A 344 13.00 -10.24 -14.42
CA LYS A 344 13.87 -9.35 -15.17
C LYS A 344 13.15 -8.77 -16.39
N GLU A 345 12.03 -9.39 -16.77
CA GLU A 345 11.39 -9.13 -18.05
C GLU A 345 9.99 -8.60 -17.89
N ARG A 346 9.59 -8.32 -16.66
CA ARG A 346 8.35 -7.58 -16.39
C ARG A 346 8.70 -6.14 -16.57
N PRO A 347 7.71 -5.33 -16.89
CA PRO A 347 7.95 -3.90 -17.10
C PRO A 347 8.39 -3.15 -15.83
N ARG A 348 9.20 -2.12 -16.00
CA ARG A 348 9.51 -1.20 -14.92
C ARG A 348 8.27 -0.31 -14.70
N PHE A 349 8.16 0.32 -13.54
CA PHE A 349 7.01 1.16 -13.25
C PHE A 349 7.00 2.38 -14.11
N ALA A 350 8.15 2.74 -14.66
CA ALA A 350 8.24 3.87 -15.59
C ALA A 350 7.45 3.65 -16.89
N GLU A 351 7.52 2.44 -17.46
CA GLU A 351 6.79 2.15 -18.68
C GLU A 351 5.30 2.01 -18.37
N LEU A 352 4.96 1.54 -17.19
CA LEU A 352 3.56 1.42 -16.83
C LEU A 352 2.89 2.81 -16.82
N VAL A 353 3.56 3.76 -16.18
CA VAL A 353 3.11 5.12 -16.20
C VAL A 353 2.90 5.65 -17.64
N GLU A 354 3.82 5.33 -18.54
CA GLU A 354 3.71 5.82 -19.93
C GLU A 354 2.57 5.17 -20.70
N LYS A 355 2.50 3.84 -20.71
CA LYS A 355 1.41 3.08 -21.33
C LYS A 355 0.05 3.66 -20.93
N LEU A 356 -0.20 3.71 -19.63
CA LEU A 356 -1.46 4.21 -19.11
C LEU A 356 -1.63 5.70 -19.38
N GLY A 357 -0.58 6.48 -19.17
CA GLY A 357 -0.61 7.87 -19.61
C GLY A 357 -1.23 7.88 -20.99
N ASP A 358 -0.76 6.99 -21.85
CA ASP A 358 -1.26 6.93 -23.22
C ASP A 358 -2.74 6.59 -23.35
N LEU A 359 -3.33 5.97 -22.36
CA LEU A 359 -4.72 5.63 -22.46
C LEU A 359 -5.61 6.69 -21.82
N LEU A 360 -5.03 7.50 -20.96
CA LEU A 360 -5.81 8.43 -20.17
C LEU A 360 -6.83 9.15 -21.07
#